data_8JG8
#
_entry.id   8JG8
#
_cell.length_a   82.7699
_cell.length_b   82.7699
_cell.length_c   172.24
_cell.angle_alpha   90.0
_cell.angle_beta   90.0
_cell.angle_gamma   120.0
#
_symmetry.space_group_name_H-M   'P 61 2 2'
#
loop_
_entity.id
_entity.type
_entity.pdbx_description
1 polymer 'Aurora kinase A'
2 non-polymer 4-[5-[3-[bis(oxidanylidene)-$l^5-sulfanyl]oxyphenyl]-7H-pyrrolo[2,3-d]pyrimidin-4-yl]morpholine
#
_entity_poly.entity_id   1
_entity_poly.type   'polypeptide(L)'
_entity_poly.pdbx_seq_one_letter_code
;QWALEDFEIGRPLGKGKFGNVYLAREKQSKFILALKVLFKAQLEKAGVEHQLRREVEIQSHLRHPNILRLYGYFHDATRV
YLILEYAPLGTVYRELQKLSKFDEQRTATYITELANALSYCHSKRVIHRDIKPENLLLGSAGELKIADFGWSVHAPSSRR
TTLCGTLDYLPPEMIEGRMHDEKVDLWSLGVLCYEFLVGKPPFEANTYQETYKRISRVEFTFPDFVTEGARDLISRLLKH
NPSQRPMLREVLEHPWITANSSK
;
_entity_poly.pdbx_strand_id   A
#
loop_
_chem_comp.id
_chem_comp.type
_chem_comp.name
_chem_comp.formula
C74 non-polymer 4-[5-[3-[bis(oxidanylidene)-$l^5-sulfanyl]oxyphenyl]-7H-pyrrolo[2,3-d]pyrimidin-4-yl]morpholine 'C16 H15 N4 O4 S 1'
#
# COMPACT_ATOMS: atom_id res chain seq x y z
N GLN A 1 -28.93 -0.52 2.64
CA GLN A 1 -28.92 -1.31 1.41
C GLN A 1 -28.13 -2.60 1.62
N TRP A 2 -27.38 -2.66 2.72
CA TRP A 2 -26.60 -3.85 3.03
C TRP A 2 -26.78 -4.34 4.47
N ALA A 3 -26.62 -5.65 4.65
CA ALA A 3 -26.69 -6.28 5.98
C ALA A 3 -25.96 -7.61 5.97
N LEU A 4 -25.50 -8.05 7.14
CA LEU A 4 -24.81 -9.33 7.28
C LEU A 4 -25.71 -10.48 6.84
N GLU A 5 -27.01 -10.24 6.86
CA GLU A 5 -28.00 -11.17 6.36
C GLU A 5 -27.77 -11.50 4.88
N ASP A 6 -27.22 -10.54 4.15
CA ASP A 6 -27.03 -10.69 2.72
C ASP A 6 -25.76 -11.47 2.35
N PHE A 7 -24.94 -11.76 3.35
CA PHE A 7 -23.65 -12.40 3.10
C PHE A 7 -23.45 -13.70 3.88
N GLU A 8 -22.82 -14.67 3.23
CA GLU A 8 -22.35 -15.87 3.89
C GLU A 8 -20.85 -15.77 4.14
N ILE A 9 -20.46 -15.72 5.40
CA ILE A 9 -19.06 -15.57 5.79
C ILE A 9 -18.30 -16.86 5.52
N GLY A 10 -16.98 -16.77 5.35
CA GLY A 10 -16.15 -17.94 5.13
C GLY A 10 -14.79 -17.87 5.79
N ARG A 11 -13.78 -18.36 5.09
CA ARG A 11 -12.39 -18.36 5.56
C ARG A 11 -11.93 -16.98 6.03
N PRO A 12 -11.21 -16.93 7.16
CA PRO A 12 -10.58 -15.69 7.63
C PRO A 12 -9.38 -15.34 6.76
N LEU A 13 -9.39 -14.16 6.16
CA LEU A 13 -8.29 -13.74 5.28
C LEU A 13 -7.09 -13.23 6.08
N GLY A 14 -7.37 -12.53 7.18
CA GLY A 14 -6.30 -12.02 8.03
C GLY A 14 -6.69 -10.88 8.96
N LYS A 15 -5.69 -10.13 9.39
CA LYS A 15 -5.80 -9.09 10.42
C LYS A 15 -6.78 -9.43 11.54
N LYS A 17 -6.92 -6.32 15.89
CA LYS A 17 -6.64 -4.90 16.05
C LYS A 17 -7.81 -4.04 15.58
N PHE A 18 -7.67 -3.46 14.40
CA PHE A 18 -8.74 -2.68 13.80
C PHE A 18 -9.97 -3.56 13.61
N GLY A 19 -9.75 -4.75 13.06
CA GLY A 19 -10.81 -5.70 12.86
C GLY A 19 -10.44 -6.71 11.79
N ASN A 20 -11.01 -7.91 11.87
CA ASN A 20 -10.63 -9.00 10.98
C ASN A 20 -11.26 -8.94 9.60
N VAL A 21 -10.60 -9.56 8.63
CA VAL A 21 -11.09 -9.64 7.26
C VAL A 21 -11.48 -11.07 6.92
N TYR A 22 -12.69 -11.26 6.41
CA TYR A 22 -13.18 -12.60 6.07
C TYR A 22 -13.61 -12.71 4.62
N LEU A 23 -13.41 -13.90 4.05
CA LEU A 23 -13.93 -14.21 2.73
C LEU A 23 -15.43 -14.39 2.85
N ALA A 24 -16.18 -13.88 1.87
CA ALA A 24 -17.64 -13.95 1.95
C ALA A 24 -18.30 -14.03 0.58
N ARG A 25 -19.61 -14.22 0.59
CA ARG A 25 -20.35 -14.36 -0.67
C ARG A 25 -21.69 -13.63 -0.62
N GLU A 26 -21.89 -12.71 -1.57
CA GLU A 26 -23.19 -12.07 -1.74
C GLU A 26 -24.19 -13.15 -2.15
N LYS A 27 -25.16 -13.40 -1.28
CA LYS A 27 -26.07 -14.54 -1.44
C LYS A 27 -26.85 -14.55 -2.76
N GLN A 28 -27.37 -13.40 -3.17
CA GLN A 28 -28.19 -13.34 -4.38
C GLN A 28 -27.33 -13.41 -5.64
N SER A 29 -26.13 -12.85 -5.54
CA SER A 29 -25.25 -12.74 -6.69
C SER A 29 -24.25 -13.90 -6.78
N LYS A 30 -24.02 -14.57 -5.65
CA LYS A 30 -23.01 -15.62 -5.53
C LYS A 30 -21.64 -15.05 -5.82
N PHE A 31 -21.52 -13.73 -5.65
CA PHE A 31 -20.29 -12.98 -5.84
C PHE A 31 -19.39 -13.11 -4.62
N ILE A 32 -18.14 -13.51 -4.82
CA ILE A 32 -17.27 -13.72 -3.69
C ILE A 32 -16.34 -12.53 -3.53
N LEU A 33 -16.23 -12.07 -2.29
CA LEU A 33 -15.59 -10.81 -1.97
C LEU A 33 -14.92 -10.87 -0.59
N ALA A 34 -14.44 -9.74 -0.12
CA ALA A 34 -13.82 -9.69 1.20
C ALA A 34 -14.62 -8.77 2.12
N LEU A 35 -14.82 -9.20 3.36
CA LEU A 35 -15.60 -8.45 4.32
C LEU A 35 -14.80 -8.18 5.60
N LYS A 36 -14.51 -6.91 5.86
CA LYS A 36 -13.80 -6.54 7.08
C LYS A 36 -14.75 -6.05 8.16
N VAL A 37 -14.66 -6.66 9.33
CA VAL A 37 -15.51 -6.27 10.45
C VAL A 37 -14.74 -5.33 11.38
N LEU A 38 -15.27 -4.13 11.58
CA LEU A 38 -14.65 -3.18 12.49
C LEU A 38 -15.55 -2.96 13.70
N PHE A 39 -15.01 -3.17 14.89
CA PHE A 39 -15.76 -2.92 16.11
C PHE A 39 -15.66 -1.46 16.51
N LYS A 40 -16.81 -0.79 16.60
CA LYS A 40 -16.87 0.63 16.92
C LYS A 40 -16.20 0.96 18.25
N ALA A 41 -16.00 -0.05 19.08
CA ALA A 41 -15.24 0.08 20.32
C ALA A 41 -13.83 0.58 20.01
N GLN A 42 -13.22 -0.02 19.00
CA GLN A 42 -11.91 0.42 18.53
C GLN A 42 -12.02 1.77 17.86
N LEU A 43 -13.15 2.01 17.21
CA LEU A 43 -13.39 3.29 16.55
C LEU A 43 -13.48 4.41 17.58
N GLU A 44 -14.04 4.09 18.74
CA GLU A 44 -14.16 5.06 19.83
C GLU A 44 -12.80 5.38 20.45
N LYS A 45 -12.18 4.40 21.09
CA LYS A 45 -10.95 4.58 21.83
C LYS A 45 -9.79 5.15 21.00
N ALA A 46 -9.83 4.94 19.69
CA ALA A 46 -8.79 5.43 18.80
C ALA A 46 -9.21 6.71 18.09
N GLY A 47 -10.50 7.07 18.23
CA GLY A 47 -11.03 8.25 17.60
C GLY A 47 -10.93 8.22 16.08
N VAL A 48 -11.15 7.04 15.52
CA VAL A 48 -11.13 6.88 14.06
C VAL A 48 -12.54 6.82 13.51
N GLU A 49 -13.47 7.50 14.19
CA GLU A 49 -14.88 7.49 13.82
C GLU A 49 -15.17 8.25 12.53
N HIS A 50 -14.30 9.21 12.20
CA HIS A 50 -14.50 10.03 11.01
C HIS A 50 -13.54 9.65 9.89
N GLN A 51 -12.35 9.21 10.29
CA GLN A 51 -11.29 8.79 9.37
C GLN A 51 -11.78 7.72 8.42
N LEU A 52 -12.60 6.81 8.96
CA LEU A 52 -13.25 5.79 8.16
C LEU A 52 -14.26 6.43 7.20
N ARG A 53 -15.09 7.33 7.72
CA ARG A 53 -16.07 8.02 6.89
C ARG A 53 -15.39 8.83 5.78
N ARG A 54 -14.12 9.19 5.99
CA ARG A 54 -13.34 9.90 4.99
C ARG A 54 -12.94 8.97 3.85
N GLU A 55 -12.12 7.97 4.18
CA GLU A 55 -11.61 7.00 3.21
C GLU A 55 -12.70 6.26 2.46
N VAL A 56 -13.80 5.96 3.15
CA VAL A 56 -14.87 5.17 2.57
C VAL A 56 -15.53 5.97 1.44
N GLU A 57 -15.33 7.28 1.46
CA GLU A 57 -15.83 8.15 0.39
C GLU A 57 -14.78 8.25 -0.70
N ILE A 58 -13.52 8.36 -0.30
CA ILE A 58 -12.41 8.46 -1.25
C ILE A 58 -12.32 7.22 -2.13
N GLN A 59 -12.24 6.06 -1.49
CA GLN A 59 -12.02 4.80 -2.21
C GLN A 59 -13.23 4.35 -3.02
N SER A 60 -14.42 4.47 -2.43
CA SER A 60 -15.66 3.98 -3.03
C SER A 60 -15.86 4.43 -4.47
N HIS A 61 -15.46 5.66 -4.75
CA HIS A 61 -15.53 6.18 -6.10
C HIS A 61 -14.11 6.41 -6.63
N LEU A 62 -13.34 5.33 -6.59
CA LEU A 62 -11.99 5.28 -7.13
C LEU A 62 -11.86 3.97 -7.91
N ARG A 63 -11.71 4.06 -9.23
CA ARG A 63 -11.71 2.86 -10.06
C ARG A 63 -10.47 2.74 -10.94
N HIS A 64 -9.63 1.76 -10.62
CA HIS A 64 -8.40 1.49 -11.36
C HIS A 64 -8.01 0.03 -11.15
N PRO A 65 -7.53 -0.63 -12.22
CA PRO A 65 -7.17 -2.05 -12.19
C PRO A 65 -6.18 -2.43 -11.08
N ASN A 66 -5.22 -1.55 -10.81
CA ASN A 66 -4.24 -1.81 -9.76
C ASN A 66 -4.60 -1.12 -8.45
N ILE A 67 -5.90 -0.86 -8.27
CA ILE A 67 -6.41 -0.41 -6.99
C ILE A 67 -7.55 -1.31 -6.57
N LEU A 68 -7.42 -1.89 -5.37
CA LEU A 68 -8.48 -2.76 -4.86
C LEU A 68 -9.76 -1.99 -4.65
N ARG A 69 -10.85 -2.46 -5.24
CA ARG A 69 -12.12 -1.73 -5.22
C ARG A 69 -12.86 -1.90 -3.90
N LEU A 70 -13.49 -0.81 -3.45
CA LEU A 70 -14.42 -0.87 -2.33
C LEU A 70 -15.84 -0.73 -2.88
N TYR A 71 -16.61 -1.80 -2.76
CA TYR A 71 -17.95 -1.83 -3.34
C TYR A 71 -18.96 -1.06 -2.48
N GLY A 72 -18.80 -1.11 -1.17
CA GLY A 72 -19.72 -0.44 -0.27
C GLY A 72 -19.46 -0.69 1.20
N TYR A 73 -20.35 -0.19 2.05
CA TYR A 73 -20.19 -0.34 3.49
C TYR A 73 -21.53 -0.33 4.20
N PHE A 74 -21.53 -0.72 5.47
CA PHE A 74 -22.73 -0.71 6.31
C PHE A 74 -22.35 -0.99 7.76
N HIS A 75 -23.29 -0.79 8.68
CA HIS A 75 -23.01 -0.97 10.10
C HIS A 75 -24.22 -1.49 10.85
N ASP A 76 -23.97 -2.20 11.95
CA ASP A 76 -25.03 -2.68 12.82
C ASP A 76 -24.99 -1.93 14.13
N ALA A 77 -25.18 -2.63 15.23
CA ALA A 77 -25.11 -2.00 16.55
C ALA A 77 -23.67 -1.87 17.03
N THR A 78 -22.92 -2.95 16.93
CA THR A 78 -21.59 -2.97 17.53
C THR A 78 -20.45 -2.98 16.53
N ARG A 79 -20.74 -3.26 15.27
CA ARG A 79 -19.65 -3.37 14.29
C ARG A 79 -19.88 -2.55 13.01
N VAL A 80 -18.80 -2.29 12.28
CA VAL A 80 -18.87 -1.66 10.95
C VAL A 80 -18.25 -2.61 9.94
N TYR A 81 -18.90 -2.77 8.79
CA TYR A 81 -18.43 -3.70 7.77
C TYR A 81 -18.06 -3.01 6.46
N LEU A 82 -16.93 -3.41 5.90
CA LEU A 82 -16.48 -2.93 4.60
C LEU A 82 -16.49 -4.07 3.60
N ILE A 83 -17.11 -3.86 2.44
CA ILE A 83 -17.21 -4.87 1.40
C ILE A 83 -16.17 -4.63 0.30
N LEU A 84 -15.07 -5.37 0.37
CA LEU A 84 -13.93 -5.11 -0.52
C LEU A 84 -13.74 -6.17 -1.60
N GLU A 85 -12.95 -5.83 -2.60
CA GLU A 85 -12.62 -6.79 -3.66
C GLU A 85 -11.76 -7.91 -3.11
N TYR A 86 -12.03 -9.13 -3.54
CA TYR A 86 -11.24 -10.28 -3.10
C TYR A 86 -10.01 -10.45 -3.98
N ALA A 87 -8.84 -10.45 -3.35
CA ALA A 87 -7.59 -10.69 -4.06
C ALA A 87 -7.15 -12.13 -3.83
N PRO A 88 -7.31 -12.98 -4.85
CA PRO A 88 -7.09 -14.43 -4.75
C PRO A 88 -5.66 -14.81 -4.37
N LEU A 89 -4.67 -14.07 -4.86
CA LEU A 89 -3.26 -14.44 -4.64
C LEU A 89 -2.66 -13.75 -3.41
N GLY A 90 -3.51 -13.24 -2.53
CA GLY A 90 -3.06 -12.69 -1.27
C GLY A 90 -2.16 -11.47 -1.35
N THR A 91 -1.37 -11.25 -0.30
CA THR A 91 -0.50 -10.07 -0.20
C THR A 91 0.85 -10.27 -0.86
N VAL A 92 1.54 -9.16 -1.10
CA VAL A 92 2.91 -9.20 -1.62
C VAL A 92 3.86 -9.49 -0.47
N TYR A 93 3.46 -9.08 0.73
CA TYR A 93 4.21 -9.37 1.96
C TYR A 93 4.37 -10.87 2.13
N ARG A 94 3.29 -11.61 1.94
CA ARG A 94 3.32 -13.07 2.03
C ARG A 94 4.23 -13.65 0.94
N GLU A 95 4.10 -13.12 -0.28
CA GLU A 95 4.95 -13.54 -1.39
C GLU A 95 6.43 -13.31 -1.10
N LEU A 96 6.72 -12.16 -0.49
CA LEU A 96 8.09 -11.78 -0.17
C LEU A 96 8.67 -12.67 0.93
N GLN A 97 7.83 -13.04 1.89
CA GLN A 97 8.26 -13.94 2.96
C GLN A 97 8.68 -15.28 2.38
N LYS A 98 7.85 -15.81 1.48
CA LYS A 98 8.09 -17.12 0.89
C LYS A 98 9.35 -17.12 0.01
N LEU A 99 9.53 -16.09 -0.81
CA LEU A 99 10.61 -16.07 -1.78
C LEU A 99 11.84 -15.28 -1.34
N SER A 100 11.81 -14.76 -0.10
CA SER A 100 12.89 -13.93 0.43
C SER A 100 13.13 -12.65 -0.37
N LYS A 101 13.51 -12.82 -1.64
CA LYS A 101 13.79 -11.68 -2.52
C LYS A 101 13.04 -11.82 -3.84
N PHE A 102 12.84 -10.71 -4.54
CA PHE A 102 12.21 -10.73 -5.86
C PHE A 102 13.25 -10.45 -6.95
N ASP A 103 13.03 -11.02 -8.14
CA ASP A 103 13.89 -10.72 -9.27
C ASP A 103 13.55 -9.35 -9.83
N GLU A 104 14.32 -8.91 -10.82
CA GLU A 104 14.14 -7.57 -11.37
C GLU A 104 12.87 -7.46 -12.21
N GLN A 105 12.46 -8.55 -12.84
CA GLN A 105 11.26 -8.54 -13.64
C GLN A 105 10.06 -8.33 -12.74
N ARG A 106 9.98 -9.13 -11.68
CA ARG A 106 8.89 -9.03 -10.72
C ARG A 106 8.88 -7.67 -10.02
N THR A 107 10.05 -7.19 -9.65
CA THR A 107 10.19 -5.91 -8.96
C THR A 107 9.78 -4.75 -9.84
N ALA A 108 10.30 -4.71 -11.05
CA ALA A 108 9.98 -3.64 -11.99
C ALA A 108 8.52 -3.71 -12.43
N THR A 109 7.97 -4.91 -12.46
CA THR A 109 6.57 -5.07 -12.83
C THR A 109 5.67 -4.53 -11.72
N TYR A 110 6.00 -4.91 -10.48
CA TYR A 110 5.27 -4.43 -9.31
C TYR A 110 5.37 -2.91 -9.20
N ILE A 111 6.57 -2.38 -9.41
CA ILE A 111 6.79 -0.94 -9.33
C ILE A 111 6.00 -0.21 -10.41
N THR A 112 5.97 -0.80 -11.60
CA THR A 112 5.20 -0.23 -12.71
C THR A 112 3.72 -0.16 -12.36
N GLU A 113 3.15 -1.29 -11.95
CA GLU A 113 1.73 -1.36 -11.61
C GLU A 113 1.42 -0.42 -10.45
N LEU A 114 2.38 -0.24 -9.55
CA LEU A 114 2.25 0.68 -8.43
C LEU A 114 2.20 2.13 -8.89
N ALA A 115 3.12 2.51 -9.76
CA ALA A 115 3.20 3.87 -10.27
C ALA A 115 1.94 4.27 -11.01
N ASN A 116 1.45 3.37 -11.86
CA ASN A 116 0.24 3.63 -12.64
C ASN A 116 -0.95 3.90 -11.71
N ALA A 117 -1.07 3.10 -10.65
CA ALA A 117 -2.16 3.27 -9.71
C ALA A 117 -2.02 4.58 -8.93
N LEU A 118 -0.78 4.98 -8.63
CA LEU A 118 -0.54 6.19 -7.86
C LEU A 118 -0.83 7.46 -8.65
N SER A 119 -0.41 7.49 -9.92
CA SER A 119 -0.70 8.58 -10.84
C SER A 119 -2.19 8.89 -10.87
N TYR A 120 -2.97 7.83 -11.00
CA TYR A 120 -4.43 7.93 -10.97
C TYR A 120 -4.88 8.57 -9.67
N CYS A 121 -4.37 8.07 -8.54
CA CYS A 121 -4.70 8.63 -7.24
C CYS A 121 -4.34 10.10 -7.15
N HIS A 122 -3.15 10.43 -7.62
CA HIS A 122 -2.66 11.80 -7.62
C HIS A 122 -3.50 12.70 -8.53
N SER A 123 -4.08 12.09 -9.57
CA SER A 123 -4.93 12.82 -10.49
C SER A 123 -6.15 13.35 -9.76
N LYS A 124 -6.75 12.52 -8.91
CA LYS A 124 -7.86 12.95 -8.08
C LYS A 124 -7.33 13.66 -6.83
N ARG A 125 -6.05 14.02 -6.89
CA ARG A 125 -5.36 14.67 -5.78
C ARG A 125 -5.47 13.86 -4.50
N VAL A 126 -5.24 12.56 -4.61
CA VAL A 126 -5.29 11.67 -3.45
C VAL A 126 -3.92 11.06 -3.16
N ILE A 127 -3.44 11.23 -1.93
CA ILE A 127 -2.17 10.67 -1.50
C ILE A 127 -2.39 9.50 -0.55
N HIS A 128 -1.56 8.46 -0.69
CA HIS A 128 -1.76 7.23 0.06
C HIS A 128 -0.93 7.16 1.33
N ARG A 129 0.38 7.35 1.18
CA ARG A 129 1.36 7.37 2.27
C ARG A 129 1.68 5.99 2.88
N ASP A 130 0.67 5.13 3.05
CA ASP A 130 0.88 3.85 3.71
C ASP A 130 1.10 2.69 2.73
N ILE A 131 1.83 2.96 1.66
CA ILE A 131 2.15 1.94 0.67
C ILE A 131 3.14 0.91 1.25
N LYS A 132 2.61 -0.19 1.75
CA LYS A 132 3.42 -1.23 2.39
C LYS A 132 3.13 -2.61 1.81
N PRO A 133 4.11 -3.53 1.86
CA PRO A 133 3.94 -4.88 1.31
C PRO A 133 2.68 -5.60 1.80
N GLU A 134 2.27 -5.33 3.04
CA GLU A 134 1.08 -5.99 3.57
C GLU A 134 -0.20 -5.27 3.14
N ASN A 135 -0.04 -4.10 2.54
CA ASN A 135 -1.17 -3.36 1.97
C ASN A 135 -1.20 -3.49 0.45
N LEU A 136 -0.31 -4.32 -0.09
CA LEU A 136 -0.31 -4.62 -1.51
C LEU A 136 -0.79 -6.03 -1.76
N LEU A 137 -1.92 -6.17 -2.45
CA LEU A 137 -2.50 -7.46 -2.73
C LEU A 137 -2.23 -7.90 -4.16
N LEU A 138 -2.46 -9.18 -4.43
CA LEU A 138 -2.28 -9.72 -5.78
C LEU A 138 -3.56 -10.34 -6.31
N GLY A 139 -3.98 -9.86 -7.48
CA GLY A 139 -5.18 -10.36 -8.12
C GLY A 139 -4.93 -11.69 -8.80
N SER A 140 -5.96 -12.19 -9.49
CA SER A 140 -5.90 -13.50 -10.13
C SER A 140 -4.74 -13.66 -11.11
N ALA A 141 -4.37 -12.58 -11.80
CA ALA A 141 -3.34 -12.67 -12.81
C ALA A 141 -1.96 -12.26 -12.27
N GLY A 142 -1.85 -12.12 -10.95
CA GLY A 142 -0.63 -11.64 -10.34
C GLY A 142 -0.62 -10.13 -10.31
N GLU A 143 -1.76 -9.56 -10.70
CA GLU A 143 -2.02 -8.13 -10.71
C GLU A 143 -1.69 -7.53 -9.36
N LEU A 144 -0.87 -6.49 -9.33
CA LEU A 144 -0.67 -5.77 -8.07
C LEU A 144 -1.91 -4.93 -7.80
N LYS A 145 -2.32 -4.86 -6.54
CA LYS A 145 -3.52 -4.11 -6.19
C LYS A 145 -3.37 -3.42 -4.86
N ILE A 146 -3.32 -2.09 -4.89
CA ILE A 146 -3.17 -1.28 -3.69
C ILE A 146 -4.41 -1.36 -2.82
N ALA A 147 -4.22 -1.59 -1.53
CA ALA A 147 -5.33 -1.64 -0.60
C ALA A 147 -5.09 -0.74 0.61
N ASP A 148 -6.10 -0.65 1.47
CA ASP A 148 -6.04 0.11 2.71
C ASP A 148 -5.76 1.61 2.49
N PHE A 149 -6.80 2.42 2.51
CA PHE A 149 -6.63 3.85 2.35
C PHE A 149 -6.88 4.57 3.67
N GLY A 150 -6.45 3.98 4.77
CA GLY A 150 -6.70 4.52 6.09
C GLY A 150 -6.18 5.93 6.29
N TRP A 151 -4.96 6.18 5.81
CA TRP A 151 -4.34 7.51 5.93
C TRP A 151 -4.42 8.31 4.64
N SER A 152 -5.24 7.85 3.70
CA SER A 152 -5.42 8.54 2.44
C SER A 152 -6.19 9.83 2.65
N VAL A 153 -5.67 10.90 2.06
CA VAL A 153 -6.26 12.22 2.19
C VAL A 153 -6.01 12.95 0.87
N HIS A 154 -6.44 14.22 0.78
CA HIS A 154 -6.30 15.01 -0.44
C HIS A 154 -5.66 16.37 -0.15
N ALA A 155 -4.42 16.32 0.35
CA ALA A 155 -3.67 17.51 0.77
C ALA A 155 -4.44 18.34 1.80
N CYS A 164 1.05 5.81 15.86
CA CYS A 164 2.23 5.58 15.03
C CYS A 164 2.76 4.17 15.19
N GLY A 165 2.93 3.48 14.06
CA GLY A 165 3.54 2.16 14.04
C GLY A 165 4.90 2.22 13.38
N THR A 166 5.24 1.17 12.64
CA THR A 166 6.52 1.11 11.93
C THR A 166 6.72 2.31 11.01
N LEU A 167 7.91 2.90 11.11
CA LEU A 167 8.23 4.12 10.38
C LEU A 167 8.93 3.85 9.05
N ASP A 168 9.23 2.59 8.81
CA ASP A 168 10.06 2.16 7.67
C ASP A 168 9.71 2.78 6.33
N TYR A 169 8.43 3.00 6.06
CA TYR A 169 8.01 3.48 4.74
C TYR A 169 7.66 4.97 4.74
N LEU A 170 7.81 5.61 5.89
CA LEU A 170 7.52 7.03 6.00
C LEU A 170 8.70 7.90 5.58
N PRO A 171 8.43 8.95 4.77
CA PRO A 171 9.44 9.88 4.26
C PRO A 171 9.92 10.85 5.32
N PRO A 172 11.12 11.45 5.13
CA PRO A 172 11.70 12.39 6.10
C PRO A 172 10.76 13.54 6.45
N GLU A 173 10.14 14.16 5.47
CA GLU A 173 9.29 15.32 5.72
C GLU A 173 8.11 14.99 6.60
N MET A 174 7.67 13.73 6.60
CA MET A 174 6.54 13.34 7.43
C MET A 174 6.96 13.02 8.84
N ILE A 175 8.13 12.40 9.00
CA ILE A 175 8.59 12.00 10.33
C ILE A 175 9.17 13.19 11.09
N GLU A 176 9.45 14.29 10.39
CA GLU A 176 9.93 15.49 11.05
C GLU A 176 8.79 16.46 11.32
N GLY A 177 7.62 16.15 10.77
CA GLY A 177 6.42 16.95 11.00
C GLY A 177 6.16 18.02 9.96
N ARG A 178 7.08 18.15 8.99
CA ARG A 178 6.97 19.19 7.97
C ARG A 178 5.78 18.94 7.02
N MET A 179 5.67 19.79 5.99
CA MET A 179 4.57 19.70 5.04
C MET A 179 4.83 18.63 3.99
N HIS A 180 3.85 17.75 3.77
CA HIS A 180 4.02 16.67 2.81
C HIS A 180 3.05 16.76 1.63
N ASP A 181 3.60 16.63 0.43
CA ASP A 181 2.81 16.67 -0.79
C ASP A 181 2.65 15.26 -1.38
N GLU A 182 2.62 15.17 -2.70
CA GLU A 182 2.48 13.88 -3.36
C GLU A 182 3.82 13.17 -3.48
N LYS A 183 4.90 13.88 -3.18
CA LYS A 183 6.24 13.30 -3.27
C LYS A 183 6.48 12.23 -2.20
N VAL A 184 5.54 12.15 -1.24
CA VAL A 184 5.58 11.14 -0.19
C VAL A 184 5.53 9.73 -0.75
N ASP A 185 4.65 9.51 -1.72
CA ASP A 185 4.48 8.20 -2.32
C ASP A 185 5.69 7.82 -3.18
N LEU A 186 6.42 8.82 -3.66
CA LEU A 186 7.63 8.56 -4.42
C LEU A 186 8.75 8.06 -3.52
N TRP A 187 8.71 8.49 -2.27
CA TRP A 187 9.64 7.98 -1.27
C TRP A 187 9.35 6.50 -1.01
N SER A 188 8.09 6.22 -0.71
CA SER A 188 7.66 4.86 -0.40
C SER A 188 7.97 3.92 -1.56
N LEU A 189 7.80 4.44 -2.77
CA LEU A 189 8.05 3.67 -3.98
C LEU A 189 9.51 3.23 -4.06
N GLY A 190 10.40 4.05 -3.52
CA GLY A 190 11.81 3.72 -3.47
C GLY A 190 12.10 2.68 -2.40
N VAL A 191 11.42 2.84 -1.27
CA VAL A 191 11.54 1.90 -0.16
C VAL A 191 11.13 0.49 -0.60
N LEU A 192 10.01 0.40 -1.30
CA LEU A 192 9.51 -0.90 -1.75
C LEU A 192 10.45 -1.56 -2.75
N CYS A 193 10.89 -0.80 -3.74
CA CYS A 193 11.79 -1.33 -4.76
C CYS A 193 13.02 -1.90 -4.09
N TYR A 194 13.47 -1.23 -3.03
CA TYR A 194 14.55 -1.75 -2.21
C TYR A 194 14.15 -3.07 -1.54
N GLU A 195 13.06 -3.06 -0.79
CA GLU A 195 12.63 -4.26 -0.08
C GLU A 195 12.27 -5.38 -1.06
N PHE A 196 11.68 -5.03 -2.20
CA PHE A 196 11.37 -6.02 -3.22
C PHE A 196 12.65 -6.69 -3.70
N LEU A 197 13.75 -5.96 -3.74
CA LEU A 197 15.00 -6.50 -4.27
C LEU A 197 15.88 -7.11 -3.19
N VAL A 198 15.84 -6.55 -1.99
CA VAL A 198 16.73 -6.98 -0.92
C VAL A 198 16.03 -7.92 0.08
N GLY A 199 14.73 -7.74 0.26
CA GLY A 199 13.96 -8.58 1.17
C GLY A 199 13.76 -7.90 2.50
N LYS A 200 14.45 -6.78 2.68
CA LYS A 200 14.36 -5.97 3.88
C LYS A 200 14.22 -4.50 3.49
N PRO A 201 13.47 -3.72 4.28
CA PRO A 201 13.39 -2.28 4.03
C PRO A 201 14.76 -1.63 4.22
N PRO A 202 15.04 -0.57 3.45
CA PRO A 202 16.35 0.10 3.44
C PRO A 202 16.69 0.82 4.74
N PHE A 203 15.72 1.03 5.62
CA PHE A 203 15.98 1.79 6.83
C PHE A 203 15.71 1.00 8.10
N GLU A 204 15.64 -0.32 7.98
CA GLU A 204 15.29 -1.19 9.09
C GLU A 204 16.17 -0.99 10.32
N ALA A 205 15.59 -1.24 11.48
CA ALA A 205 16.29 -1.17 12.74
C ALA A 205 15.49 -1.88 13.81
N ASN A 206 16.13 -2.18 14.93
CA ASN A 206 15.43 -2.79 16.06
C ASN A 206 14.75 -1.72 16.90
N THR A 207 14.96 -0.47 16.51
CA THR A 207 14.49 0.66 17.28
C THR A 207 13.75 1.68 16.43
N TYR A 208 12.59 2.10 16.91
CA TYR A 208 11.85 3.21 16.31
C TYR A 208 12.76 4.42 16.20
N GLN A 209 13.49 4.69 17.29
CA GLN A 209 14.40 5.82 17.37
C GLN A 209 15.56 5.69 16.37
N GLU A 210 16.07 4.47 16.19
CA GLU A 210 17.14 4.24 15.23
C GLU A 210 16.65 4.45 13.80
N THR A 211 15.52 3.84 13.46
CA THR A 211 14.92 3.98 12.14
C THR A 211 14.64 5.45 11.85
N TYR A 212 14.24 6.18 12.88
CA TYR A 212 13.99 7.61 12.75
C TYR A 212 15.21 8.34 12.21
N LYS A 213 16.37 8.08 12.81
CA LYS A 213 17.61 8.73 12.37
C LYS A 213 18.04 8.21 11.00
N ARG A 214 17.95 6.89 10.81
CA ARG A 214 18.34 6.30 9.52
C ARG A 214 17.49 6.87 8.38
N ILE A 215 16.22 7.12 8.64
CA ILE A 215 15.35 7.75 7.65
C ILE A 215 15.72 9.21 7.43
N SER A 216 15.74 9.96 8.52
CA SER A 216 15.95 11.41 8.47
C SER A 216 17.27 11.81 7.80
N ARG A 217 18.28 10.95 7.94
CA ARG A 217 19.58 11.22 7.33
C ARG A 217 19.77 10.42 6.05
N VAL A 218 18.71 9.72 5.63
CA VAL A 218 18.71 8.90 4.43
C VAL A 218 19.94 7.99 4.38
N GLU A 219 20.12 7.19 5.42
CA GLU A 219 21.27 6.29 5.49
C GLU A 219 20.91 4.89 5.02
N PHE A 220 21.12 4.62 3.73
CA PHE A 220 20.86 3.30 3.18
C PHE A 220 22.06 2.80 2.38
N THR A 221 22.40 1.53 2.57
CA THR A 221 23.49 0.91 1.83
C THR A 221 22.98 -0.24 0.95
N PHE A 222 23.59 -0.37 -0.23
CA PHE A 222 23.22 -1.42 -1.17
C PHE A 222 24.08 -2.68 -1.00
N PRO A 223 23.42 -3.85 -0.88
CA PRO A 223 24.13 -5.13 -0.99
C PRO A 223 24.71 -5.31 -2.38
N ASP A 224 25.56 -6.31 -2.57
CA ASP A 224 26.28 -6.47 -3.81
C ASP A 224 25.41 -6.91 -4.99
N PHE A 225 24.36 -7.68 -4.72
CA PHE A 225 23.56 -8.24 -5.81
C PHE A 225 22.57 -7.25 -6.41
N VAL A 226 22.70 -5.97 -6.07
CA VAL A 226 21.79 -4.97 -6.60
C VAL A 226 22.37 -4.31 -7.86
N THR A 227 21.61 -4.39 -8.95
CA THR A 227 22.00 -3.83 -10.23
C THR A 227 22.17 -2.32 -10.13
N GLU A 228 23.18 -1.78 -10.81
CA GLU A 228 23.39 -0.34 -10.88
C GLU A 228 22.17 0.36 -11.47
N GLY A 229 21.46 -0.33 -12.36
CA GLY A 229 20.21 0.18 -12.90
C GLY A 229 19.17 0.29 -11.81
N ALA A 230 19.27 -0.56 -10.81
CA ALA A 230 18.36 -0.53 -9.67
C ALA A 230 18.86 0.45 -8.62
N ARG A 231 20.17 0.46 -8.38
CA ARG A 231 20.78 1.40 -7.45
C ARG A 231 20.46 2.85 -7.84
N ASP A 232 20.30 3.07 -9.14
CA ASP A 232 19.99 4.41 -9.64
C ASP A 232 18.63 4.87 -9.17
N LEU A 233 17.58 4.19 -9.66
CA LEU A 233 16.19 4.52 -9.36
C LEU A 233 15.93 4.69 -7.86
N ILE A 234 16.37 3.71 -7.08
CA ILE A 234 16.20 3.75 -5.64
C ILE A 234 16.82 5.02 -5.04
N SER A 235 18.09 5.26 -5.34
CA SER A 235 18.79 6.42 -4.78
C SER A 235 18.24 7.74 -5.32
N ARG A 236 17.50 7.68 -6.43
CA ARG A 236 16.84 8.87 -6.98
C ARG A 236 15.51 9.10 -6.30
N LEU A 237 14.85 8.02 -5.90
CA LEU A 237 13.57 8.12 -5.20
C LEU A 237 13.79 8.36 -3.71
N LEU A 238 14.95 7.96 -3.21
CA LEU A 238 15.28 8.12 -1.79
C LEU A 238 16.16 9.34 -1.57
N LYS A 239 15.56 10.53 -1.73
CA LYS A 239 16.26 11.78 -1.54
C LYS A 239 15.53 12.61 -0.51
N HIS A 240 16.28 13.31 0.34
CA HIS A 240 15.69 14.04 1.46
C HIS A 240 14.79 15.17 1.00
N ASN A 241 15.27 15.98 0.07
CA ASN A 241 14.47 17.03 -0.54
C ASN A 241 13.46 16.45 -1.53
N PRO A 242 12.16 16.55 -1.20
CA PRO A 242 11.06 16.00 -2.01
C PRO A 242 11.06 16.52 -3.45
N SER A 243 11.35 17.80 -3.64
CA SER A 243 11.37 18.42 -4.96
C SER A 243 12.34 17.73 -5.90
N GLN A 244 13.34 17.04 -5.33
CA GLN A 244 14.32 16.33 -6.12
C GLN A 244 13.88 14.93 -6.51
N ARG A 245 12.86 14.40 -5.84
CA ARG A 245 12.30 13.10 -6.19
C ARG A 245 11.67 13.17 -7.59
N PRO A 246 12.05 12.25 -8.48
CA PRO A 246 11.63 12.26 -9.88
C PRO A 246 10.13 12.17 -10.02
N MET A 247 9.59 12.53 -11.18
CA MET A 247 8.15 12.45 -11.37
C MET A 247 7.76 11.01 -11.73
N LEU A 248 6.50 10.66 -11.48
CA LEU A 248 6.04 9.29 -11.64
C LEU A 248 6.22 8.85 -13.10
N ARG A 249 6.17 9.81 -14.00
CA ARG A 249 6.33 9.54 -15.44
C ARG A 249 7.72 9.01 -15.76
N GLU A 250 8.74 9.68 -15.23
CA GLU A 250 10.14 9.29 -15.48
C GLU A 250 10.49 7.97 -14.80
N VAL A 251 9.79 7.66 -13.71
CA VAL A 251 9.96 6.38 -13.06
C VAL A 251 9.59 5.26 -14.03
N LEU A 252 8.44 5.43 -14.66
CA LEU A 252 7.94 4.48 -15.64
C LEU A 252 8.79 4.54 -16.90
N GLU A 253 9.58 5.60 -17.06
CA GLU A 253 10.43 5.76 -18.22
C GLU A 253 11.90 5.51 -17.91
N HIS A 254 12.18 5.08 -16.68
CA HIS A 254 13.54 4.75 -16.28
C HIS A 254 13.99 3.48 -17.01
N PRO A 255 15.19 3.52 -17.61
CA PRO A 255 15.74 2.41 -18.41
C PRO A 255 15.65 1.06 -17.71
N TRP A 256 15.97 1.03 -16.41
CA TRP A 256 15.91 -0.22 -15.65
C TRP A 256 14.48 -0.76 -15.58
N ILE A 257 13.53 0.15 -15.42
CA ILE A 257 12.12 -0.23 -15.46
C ILE A 257 11.76 -0.73 -16.85
N THR A 258 11.99 0.10 -17.86
CA THR A 258 11.65 -0.22 -19.24
C THR A 258 12.24 -1.57 -19.66
N ALA A 259 13.43 -1.87 -19.17
CA ALA A 259 14.12 -3.10 -19.53
C ALA A 259 13.51 -4.33 -18.86
N ASN A 260 13.31 -4.28 -17.55
CA ASN A 260 12.91 -5.46 -16.79
C ASN A 260 11.41 -5.59 -16.54
N SER A 261 10.68 -4.49 -16.65
CA SER A 261 9.24 -4.53 -16.44
C SER A 261 8.56 -5.36 -17.52
N SER A 262 7.39 -5.91 -17.20
CA SER A 262 6.65 -6.71 -18.16
C SER A 262 5.70 -5.82 -18.97
N LYS A 263 4.99 -6.41 -19.93
CA LYS A 263 4.10 -5.66 -20.79
C LYS A 263 2.64 -6.07 -20.57
N1 C74 B . -6.78 -11.10 1.66
N3 C74 B . -9.03 -8.17 -0.11
C4 C74 B . -7.59 -8.82 1.50
C5 C74 B . -8.78 -7.06 0.65
C6 C74 B . -7.90 -7.35 1.67
C7 C74 B . -7.39 -6.30 2.70
C8 C74 B . -8.22 -5.76 3.73
C10 C74 B . -6.33 -4.41 4.45
C13 C74 B . -4.68 -10.18 3.47
C15 C74 B . -6.12 -9.38 5.77
C1 C74 B . -6.77 -9.84 2.16
C2 C74 B . -7.49 -11.44 0.62
N2 C74 B . -8.26 -10.55 -0.03
C3 C74 B . -8.32 -9.23 0.39
C9 C74 B . -7.70 -4.84 4.60
C11 C74 B . -5.53 -4.93 3.45
C12 C74 B . -6.06 -5.87 2.57
O1 C74 B . -8.47 -4.29 5.63
S1 C74 B . -8.74 -2.80 5.55
O2 C74 B . -7.59 -2.02 6.26
O3 C74 B . -8.86 -2.34 4.10
N4 C74 B . -5.96 -9.60 3.32
C14 C74 B . -4.48 -10.80 4.83
O4 C74 B . -4.79 -9.88 5.88
C16 C74 B . -6.41 -8.79 4.41
#